data_2VWC
#
_entry.id   2VWC
#
_cell.length_a   73.805
_cell.length_b   73.805
_cell.length_c   110.667
_cell.angle_alpha   90.00
_cell.angle_beta   90.00
_cell.angle_gamma   90.00
#
_symmetry.space_group_name_H-M   'P 43 2 2'
#
loop_
_entity.id
_entity.type
_entity.pdbx_description
1 polymer 'ATP-DEPENDENT MOLECULAR CHAPERONE HSP82'
2 non-polymer MACBECIN
3 non-polymer GLYCEROL
4 water water
#
_entity_poly.entity_id   1
_entity_poly.type   'polypeptide(L)'
_entity_poly.pdbx_seq_one_letter_code
;MASETFEFQAEITQLMSLIINTVYSNKEIFLRELISNASDALDKIRYKSLSDPKQLETEPDLFIRITPKPEQKVLEIRDS
GIGMTKAELINNLGTIAKSGTKAFMEALSAGADVSMIGQFGVGFYSLFLVADRVQVISKSNDDEQYIWESNAGGSFTVTL
DEVNERIGRGTILRLFLKDDQLEYLEEKRIKEVIKRHSEFVAYPIQLVVTKEVEKEVPI
;
_entity_poly.pdbx_strand_id   A
#
# COMPACT_ATOMS: atom_id res chain seq x y z
N ALA A 2 17.86 -9.74 12.36
CA ALA A 2 16.69 -10.15 13.20
C ALA A 2 15.47 -9.27 12.91
N SER A 3 14.29 -9.87 13.08
CA SER A 3 13.03 -9.17 12.96
C SER A 3 12.58 -8.58 14.30
N GLU A 4 12.20 -7.31 14.29
CA GLU A 4 11.61 -6.70 15.47
C GLU A 4 10.08 -6.76 15.42
N THR A 5 9.45 -7.04 16.55
CA THR A 5 7.99 -7.16 16.62
C THR A 5 7.37 -6.01 17.44
N PHE A 6 6.29 -5.44 16.91
CA PHE A 6 5.58 -4.32 17.54
C PHE A 6 4.10 -4.60 17.65
N GLU A 7 3.47 -4.08 18.70
CA GLU A 7 2.03 -4.24 18.88
C GLU A 7 1.31 -3.18 18.09
N PHE A 8 0.19 -3.55 17.46
CA PHE A 8 -0.68 -2.53 16.87
C PHE A 8 -1.39 -1.77 17.98
N GLN A 9 -1.59 -0.48 17.78
CA GLN A 9 -2.51 0.27 18.64
C GLN A 9 -3.89 -0.40 18.54
N ALA A 10 -4.54 -0.60 19.68
CA ALA A 10 -5.80 -1.35 19.78
C ALA A 10 -6.87 -1.09 18.69
N GLU A 11 -7.13 0.18 18.38
CA GLU A 11 -8.18 0.56 17.42
CA GLU A 11 -8.17 0.57 17.42
C GLU A 11 -7.82 0.14 15.99
N ILE A 12 -6.53 0.13 15.68
CA ILE A 12 -6.05 -0.28 14.36
C ILE A 12 -6.23 -1.78 14.13
N THR A 13 -6.07 -2.55 15.21
CA THR A 13 -6.35 -3.99 15.21
C THR A 13 -7.85 -4.26 15.01
N GLN A 14 -8.69 -3.45 15.65
CA GLN A 14 -10.12 -3.49 15.45
C GLN A 14 -10.48 -3.23 13.98
N LEU A 15 -9.87 -2.20 13.40
CA LEU A 15 -10.17 -1.80 12.03
C LEU A 15 -9.80 -2.91 11.04
N MET A 16 -8.59 -3.44 11.15
CA MET A 16 -8.16 -4.56 10.31
C MET A 16 -9.12 -5.73 10.43
N SER A 17 -9.55 -6.00 11.65
CA SER A 17 -10.47 -7.10 11.88
C SER A 17 -11.85 -6.85 11.22
N LEU A 18 -12.36 -5.63 11.31
CA LEU A 18 -13.57 -5.25 10.56
C LEU A 18 -13.40 -5.44 9.05
N ILE A 19 -12.29 -4.97 8.51
CA ILE A 19 -12.06 -5.00 7.07
C ILE A 19 -11.77 -6.40 6.51
N ILE A 20 -10.94 -7.18 7.21
CA ILE A 20 -10.57 -8.52 6.72
C ILE A 20 -11.77 -9.48 6.80
N ASN A 21 -12.65 -9.25 7.79
CA ASN A 21 -13.89 -10.02 7.95
C ASN A 21 -15.09 -9.20 7.52
N THR A 22 -15.03 -8.62 6.33
CA THR A 22 -16.21 -7.97 5.76
C THR A 22 -16.63 -8.60 4.43
N VAL A 23 -17.83 -9.20 4.46
CA VAL A 23 -18.47 -9.79 3.29
C VAL A 23 -18.59 -8.77 2.12
N TYR A 24 -18.29 -7.50 2.42
CA TYR A 24 -18.85 -6.38 1.66
C TYR A 24 -18.50 -6.32 0.18
N SER A 25 -19.29 -5.57 -0.56
CA SER A 25 -19.09 -5.43 -2.00
C SER A 25 -18.14 -4.28 -2.31
N ASN A 26 -17.85 -4.09 -3.60
CA ASN A 26 -16.98 -3.01 -4.05
C ASN A 26 -15.58 -3.08 -3.38
N LYS A 27 -15.01 -4.29 -3.34
CA LYS A 27 -13.64 -4.47 -2.81
C LYS A 27 -12.57 -3.85 -3.72
N GLU A 28 -12.91 -3.67 -4.99
CA GLU A 28 -12.03 -3.04 -5.95
C GLU A 28 -11.47 -1.69 -5.46
N ILE A 29 -12.17 -1.02 -4.53
CA ILE A 29 -11.75 0.31 -4.05
C ILE A 29 -10.38 0.33 -3.42
N PHE A 30 -9.90 -0.83 -2.97
CA PHE A 30 -8.56 -0.95 -2.41
C PHE A 30 -7.51 -0.42 -3.39
N LEU A 31 -7.74 -0.59 -4.69
CA LEU A 31 -6.74 -0.16 -5.66
C LEU A 31 -6.67 1.37 -5.75
N ARG A 32 -7.84 2.01 -5.73
CA ARG A 32 -7.93 3.47 -5.68
C ARG A 32 -7.12 4.03 -4.50
N GLU A 33 -7.26 3.39 -3.34
CA GLU A 33 -6.63 3.87 -2.11
C GLU A 33 -5.11 3.73 -2.16
N LEU A 34 -4.63 2.63 -2.74
CA LEU A 34 -3.19 2.40 -2.79
C LEU A 34 -2.53 3.26 -3.86
N ILE A 35 -3.24 3.52 -4.93
CA ILE A 35 -2.77 4.44 -5.95
C ILE A 35 -2.72 5.88 -5.41
N SER A 36 -3.74 6.25 -4.64
CA SER A 36 -3.80 7.58 -4.01
CA SER A 36 -3.79 7.58 -4.01
C SER A 36 -2.63 7.81 -3.05
N ASN A 37 -2.33 6.82 -2.19
CA ASN A 37 -1.19 6.88 -1.29
C ASN A 37 0.12 6.98 -2.06
N ALA A 38 0.23 6.20 -3.14
CA ALA A 38 1.42 6.19 -3.98
C ALA A 38 1.60 7.58 -4.59
N SER A 39 0.49 8.17 -5.04
CA SER A 39 0.47 9.52 -5.61
C SER A 39 0.85 10.54 -4.54
N ASP A 40 0.38 10.36 -3.30
CA ASP A 40 0.77 11.26 -2.19
C ASP A 40 2.28 11.17 -1.92
N ALA A 41 2.85 9.97 -2.01
CA ALA A 41 4.26 9.78 -1.73
C ALA A 41 5.13 10.37 -2.83
N LEU A 42 4.60 10.35 -4.05
CA LEU A 42 5.24 10.99 -5.19
C LEU A 42 5.17 12.54 -5.11
N ASP A 43 4.03 13.09 -4.67
CA ASP A 43 3.89 14.53 -4.42
C ASP A 43 4.94 15.04 -3.44
N LYS A 44 5.12 14.29 -2.35
CA LYS A 44 6.03 14.68 -1.28
C LYS A 44 7.47 14.77 -1.75
N ILE A 45 7.94 13.76 -2.48
CA ILE A 45 9.32 13.76 -2.97
C ILE A 45 9.54 14.85 -4.01
N ARG A 46 8.52 15.11 -4.82
CA ARG A 46 8.60 16.13 -5.84
C ARG A 46 8.59 17.54 -5.20
N TYR A 47 7.77 17.72 -4.17
CA TYR A 47 7.71 19.00 -3.45
C TYR A 47 9.02 19.25 -2.66
N LYS A 48 9.45 18.26 -1.90
CA LYS A 48 10.76 18.28 -1.25
C LYS A 48 11.90 18.67 -2.23
N SER A 49 11.85 18.12 -3.45
CA SER A 49 12.87 18.31 -4.50
CA SER A 49 12.91 18.32 -4.44
C SER A 49 12.94 19.74 -5.01
N LEU A 50 11.85 20.49 -4.83
CA LEU A 50 11.84 21.91 -5.20
C LEU A 50 13.00 22.70 -4.57
N SER A 51 13.39 22.32 -3.34
CA SER A 51 14.42 23.05 -2.59
C SER A 51 15.64 22.19 -2.29
N ASP A 52 15.59 20.95 -2.76
CA ASP A 52 16.58 19.95 -2.46
C ASP A 52 16.58 18.96 -3.64
N PRO A 53 16.97 19.43 -4.85
CA PRO A 53 16.94 18.63 -6.09
C PRO A 53 17.67 17.29 -6.02
N LYS A 54 18.64 17.20 -5.12
CA LYS A 54 19.49 16.01 -4.96
C LYS A 54 18.69 14.79 -4.51
N GLN A 55 17.53 15.05 -3.89
CA GLN A 55 16.69 14.00 -3.37
C GLN A 55 16.16 13.11 -4.50
N LEU A 56 16.01 13.68 -5.69
CA LEU A 56 15.45 12.94 -6.83
C LEU A 56 16.44 11.94 -7.38
N GLU A 57 17.73 12.18 -7.15
CA GLU A 57 18.83 11.44 -7.77
C GLU A 57 18.91 9.94 -7.47
N THR A 58 18.32 9.49 -6.36
CA THR A 58 18.30 8.05 -6.03
C THR A 58 17.35 7.26 -6.93
N GLU A 59 16.43 7.99 -7.56
CA GLU A 59 15.47 7.40 -8.47
C GLU A 59 14.80 8.55 -9.21
N PRO A 60 15.41 9.01 -10.32
CA PRO A 60 14.95 10.22 -10.98
C PRO A 60 13.59 10.12 -11.70
N ASP A 61 13.11 8.91 -11.95
CA ASP A 61 11.83 8.70 -12.63
C ASP A 61 10.72 8.54 -11.59
N LEU A 62 9.65 9.32 -11.76
CA LEU A 62 8.52 9.27 -10.87
C LEU A 62 7.43 8.50 -11.57
N PHE A 63 7.04 7.38 -10.98
CA PHE A 63 6.08 6.46 -11.59
C PHE A 63 5.32 5.71 -10.50
N ILE A 64 4.19 5.14 -10.90
CA ILE A 64 3.46 4.15 -10.11
C ILE A 64 3.48 2.89 -10.95
N ARG A 65 3.78 1.75 -10.35
CA ARG A 65 3.91 0.51 -11.12
C ARG A 65 3.23 -0.66 -10.42
N ILE A 66 2.38 -1.36 -11.17
CA ILE A 66 1.57 -2.44 -10.67
C ILE A 66 2.05 -3.74 -11.34
N THR A 67 2.40 -4.74 -10.51
CA THR A 67 2.98 -5.99 -10.99
C THR A 67 2.26 -7.22 -10.42
N PRO A 68 1.40 -7.87 -11.23
CA PRO A 68 0.84 -9.17 -10.86
C PRO A 68 1.92 -10.24 -10.83
N LYS A 69 1.93 -11.03 -9.75
CA LYS A 69 2.82 -12.21 -9.66
C LYS A 69 1.98 -13.47 -9.41
N PRO A 70 1.35 -14.00 -10.47
CA PRO A 70 0.35 -15.08 -10.38
C PRO A 70 0.76 -16.34 -9.61
N GLU A 71 2.02 -16.76 -9.75
CA GLU A 71 2.50 -18.00 -9.11
C GLU A 71 2.51 -17.88 -7.59
N GLN A 72 2.86 -16.69 -7.11
CA GLN A 72 2.85 -16.43 -5.68
C GLN A 72 1.49 -15.91 -5.18
N LYS A 73 0.57 -15.63 -6.11
CA LYS A 73 -0.73 -15.03 -5.79
C LYS A 73 -0.55 -13.68 -5.07
N VAL A 74 0.37 -12.88 -5.60
CA VAL A 74 0.81 -11.63 -5.03
C VAL A 74 0.46 -10.53 -6.02
N LEU A 75 0.13 -9.35 -5.49
CA LEU A 75 0.01 -8.17 -6.33
C LEU A 75 0.89 -7.09 -5.71
N GLU A 76 1.77 -6.52 -6.52
CA GLU A 76 2.64 -5.48 -6.01
C GLU A 76 2.28 -4.13 -6.62
N ILE A 77 2.21 -3.13 -5.75
CA ILE A 77 2.04 -1.74 -6.18
CA ILE A 77 2.04 -1.76 -6.18
C ILE A 77 3.21 -0.93 -5.69
N ARG A 78 3.99 -0.45 -6.63
CA ARG A 78 5.19 0.29 -6.34
C ARG A 78 5.08 1.76 -6.73
N ASP A 79 5.72 2.62 -5.96
CA ASP A 79 5.86 4.01 -6.32
C ASP A 79 7.31 4.40 -6.06
N SER A 80 7.80 5.39 -6.79
CA SER A 80 9.10 5.94 -6.47
C SER A 80 8.97 7.27 -5.74
N GLY A 81 8.05 7.28 -4.77
CA GLY A 81 7.84 8.45 -3.92
C GLY A 81 8.88 8.58 -2.83
N ILE A 82 8.53 9.30 -1.77
CA ILE A 82 9.48 9.67 -0.73
C ILE A 82 10.01 8.46 0.07
N GLY A 83 9.22 7.38 0.13
CA GLY A 83 9.57 6.22 0.96
C GLY A 83 9.42 6.53 2.44
N MET A 84 9.65 5.51 3.28
CA MET A 84 9.51 5.66 4.73
C MET A 84 10.74 5.08 5.42
N THR A 85 11.22 5.79 6.45
CA THR A 85 12.28 5.28 7.30
C THR A 85 11.71 4.18 8.20
N LYS A 86 12.60 3.47 8.90
CA LYS A 86 12.19 2.48 9.89
C LYS A 86 11.23 3.08 10.95
N ALA A 87 11.61 4.23 11.52
CA ALA A 87 10.82 4.87 12.56
C ALA A 87 9.44 5.26 12.03
N GLU A 88 9.37 5.66 10.75
CA GLU A 88 8.10 5.98 10.11
C GLU A 88 7.21 4.74 9.91
N LEU A 89 7.79 3.66 9.43
CA LEU A 89 7.03 2.40 9.33
C LEU A 89 6.47 1.99 10.68
N ILE A 90 7.32 2.01 11.71
CA ILE A 90 6.91 1.70 13.09
C ILE A 90 5.81 2.64 13.61
N ASN A 91 6.03 3.95 13.52
CA ASN A 91 5.10 4.92 14.09
C ASN A 91 3.82 5.06 13.28
N ASN A 92 3.98 5.28 11.98
CA ASN A 92 2.89 5.61 11.06
C ASN A 92 2.09 4.42 10.56
N LEU A 93 2.64 3.22 10.70
CA LEU A 93 1.91 2.02 10.27
C LEU A 93 1.53 1.08 11.41
N GLY A 94 1.13 1.62 12.56
CA GLY A 94 0.66 0.74 13.61
C GLY A 94 0.75 1.08 15.07
N THR A 95 1.90 1.60 15.54
CA THR A 95 2.08 1.81 17.00
C THR A 95 1.34 3.02 17.55
N ILE A 96 1.06 3.99 16.68
CA ILE A 96 0.50 5.26 17.13
C ILE A 96 -0.95 5.41 16.67
N ALA A 97 -1.82 5.79 17.59
CA ALA A 97 -3.24 5.97 17.33
C ALA A 97 -3.45 6.93 16.15
N LYS A 98 -4.34 6.55 15.23
CA LYS A 98 -4.66 7.46 14.15
C LYS A 98 -5.96 8.18 14.40
N SER A 99 -5.95 9.47 14.06
CA SER A 99 -7.11 10.33 14.22
C SER A 99 -8.41 9.69 13.71
N GLY A 100 -8.41 9.13 12.51
CA GLY A 100 -9.67 8.70 11.93
C GLY A 100 -10.10 7.25 12.14
N THR A 101 -9.28 6.46 12.83
CA THR A 101 -9.56 5.03 12.98
C THR A 101 -10.95 4.75 13.59
N LYS A 102 -11.19 5.28 14.78
CA LYS A 102 -12.44 5.01 15.48
C LYS A 102 -13.62 5.69 14.83
N ALA A 103 -13.41 6.89 14.28
CA ALA A 103 -14.47 7.65 13.62
C ALA A 103 -14.97 6.91 12.37
N PHE A 104 -14.04 6.34 11.60
CA PHE A 104 -14.40 5.52 10.42
C PHE A 104 -15.22 4.29 10.79
N MET A 105 -14.77 3.56 11.81
CA MET A 105 -15.45 2.35 12.30
C MET A 105 -16.87 2.67 12.73
N GLU A 106 -17.04 3.81 13.41
CA GLU A 106 -18.38 4.30 13.79
C GLU A 106 -19.24 4.65 12.57
N ALA A 107 -18.66 5.35 11.59
CA ALA A 107 -19.33 5.68 10.33
C ALA A 107 -19.80 4.42 9.58
N LEU A 108 -18.86 3.48 9.36
CA LEU A 108 -19.16 2.13 8.85
C LEU A 108 -20.32 1.45 9.59
N SER A 109 -20.26 1.52 10.90
CA SER A 109 -21.27 0.95 11.76
C SER A 109 -22.63 1.65 11.61
N ALA A 110 -22.63 2.89 11.13
CA ALA A 110 -23.90 3.61 10.92
C ALA A 110 -24.41 3.48 9.48
N GLY A 111 -23.58 2.88 8.62
CA GLY A 111 -24.01 2.56 7.26
C GLY A 111 -23.11 3.13 6.18
N ALA A 112 -22.01 3.76 6.59
CA ALA A 112 -21.12 4.43 5.66
C ALA A 112 -20.52 3.44 4.67
N ASP A 113 -20.32 3.91 3.44
CA ASP A 113 -19.69 3.12 2.41
C ASP A 113 -18.22 2.92 2.75
N VAL A 114 -17.76 1.66 2.65
CA VAL A 114 -16.37 1.34 2.89
C VAL A 114 -15.41 2.21 2.07
N SER A 115 -15.85 2.67 0.89
CA SER A 115 -15.02 3.53 0.03
C SER A 115 -14.77 4.88 0.65
N MET A 116 -15.50 5.23 1.70
CA MET A 116 -15.22 6.49 2.42
C MET A 116 -13.91 6.45 3.21
N ILE A 117 -13.29 5.27 3.28
CA ILE A 117 -12.13 5.04 4.15
C ILE A 117 -11.00 6.07 3.95
N GLY A 118 -10.69 6.39 2.69
CA GLY A 118 -9.65 7.38 2.38
C GLY A 118 -9.95 8.76 2.91
N GLN A 119 -11.24 9.12 2.99
CA GLN A 119 -11.65 10.40 3.58
C GLN A 119 -11.44 10.47 5.11
N PHE A 120 -11.23 9.31 5.73
CA PHE A 120 -10.93 9.24 7.16
C PHE A 120 -9.43 9.11 7.46
N GLY A 121 -8.63 9.03 6.40
CA GLY A 121 -7.18 9.04 6.52
C GLY A 121 -6.58 7.69 6.87
N VAL A 122 -7.31 6.63 6.57
CA VAL A 122 -6.96 5.33 7.08
C VAL A 122 -7.11 4.26 5.96
N GLY A 123 -7.05 4.74 4.72
CA GLY A 123 -7.30 3.94 3.51
C GLY A 123 -6.27 2.87 3.18
N PHE A 124 -5.06 3.00 3.70
CA PHE A 124 -4.05 1.94 3.57
C PHE A 124 -4.65 0.59 3.95
N TYR A 125 -5.41 0.56 5.06
CA TYR A 125 -5.97 -0.69 5.59
C TYR A 125 -7.06 -1.34 4.72
N SER A 126 -7.50 -0.66 3.64
CA SER A 126 -8.44 -1.26 2.67
C SER A 126 -7.83 -2.43 1.89
N LEU A 127 -6.49 -2.57 1.94
CA LEU A 127 -5.81 -3.67 1.28
C LEU A 127 -6.28 -5.02 1.85
N PHE A 128 -6.72 -5.04 3.11
CA PHE A 128 -7.23 -6.26 3.77
C PHE A 128 -8.58 -6.74 3.26
N LEU A 129 -9.25 -5.90 2.48
CA LEU A 129 -10.39 -6.32 1.65
C LEU A 129 -10.04 -7.52 0.76
N VAL A 130 -8.82 -7.55 0.21
CA VAL A 130 -8.46 -8.55 -0.80
C VAL A 130 -7.23 -9.37 -0.46
N ALA A 131 -6.55 -9.01 0.64
CA ALA A 131 -5.28 -9.65 1.04
C ALA A 131 -5.35 -10.06 2.50
N ASP A 132 -4.76 -11.21 2.82
CA ASP A 132 -4.73 -11.71 4.18
CA ASP A 132 -4.72 -11.76 4.17
C ASP A 132 -3.36 -11.47 4.81
N ARG A 133 -2.44 -10.99 4.00
CA ARG A 133 -1.06 -10.71 4.42
C ARG A 133 -0.50 -9.61 3.54
N VAL A 134 0.36 -8.78 4.12
CA VAL A 134 0.99 -7.68 3.39
C VAL A 134 2.43 -7.41 3.88
N GLN A 135 3.30 -7.16 2.91
CA GLN A 135 4.64 -6.63 3.16
C GLN A 135 4.71 -5.23 2.55
N VAL A 136 5.13 -4.27 3.36
CA VAL A 136 5.42 -2.92 2.88
C VAL A 136 6.94 -2.82 2.90
N ILE A 137 7.51 -2.70 1.70
CA ILE A 137 8.95 -2.64 1.53
C ILE A 137 9.24 -1.19 1.12
N SER A 138 10.12 -0.53 1.87
CA SER A 138 10.28 0.90 1.72
C SER A 138 11.72 1.38 1.86
N LYS A 139 12.10 2.28 0.96
CA LYS A 139 13.42 2.91 1.01
C LYS A 139 13.26 4.44 0.97
N SER A 140 13.55 5.08 2.09
CA SER A 140 13.62 6.54 2.14
C SER A 140 15.06 6.92 1.90
N ASN A 141 15.29 8.13 1.37
CA ASN A 141 16.65 8.61 1.19
C ASN A 141 17.37 8.69 2.54
N ASP A 142 16.61 8.70 3.63
CA ASP A 142 17.18 8.93 4.98
C ASP A 142 17.46 7.65 5.77
N ASP A 143 17.30 6.48 5.13
CA ASP A 143 17.47 5.25 5.88
C ASP A 143 17.76 4.11 4.93
N GLU A 144 18.04 2.94 5.50
CA GLU A 144 18.14 1.68 4.76
C GLU A 144 16.76 1.23 4.30
N GLN A 145 16.74 0.21 3.45
CA GLN A 145 15.53 -0.46 3.00
C GLN A 145 15.03 -1.40 4.10
N TYR A 146 13.73 -1.30 4.42
CA TYR A 146 13.10 -2.11 5.47
C TYR A 146 11.81 -2.79 5.02
N ILE A 147 11.49 -3.92 5.65
CA ILE A 147 10.26 -4.64 5.37
C ILE A 147 9.39 -4.60 6.61
N TRP A 148 8.19 -4.06 6.42
CA TRP A 148 7.15 -4.08 7.43
C TRP A 148 6.22 -5.20 7.00
N GLU A 149 5.70 -5.97 7.94
CA GLU A 149 4.84 -7.10 7.58
C GLU A 149 3.70 -7.30 8.59
N SER A 150 2.49 -7.48 8.06
CA SER A 150 1.30 -7.78 8.87
C SER A 150 0.42 -8.82 8.21
N ASN A 151 -0.24 -9.62 9.05
CA ASN A 151 -1.25 -10.60 8.64
C ASN A 151 -2.60 -10.23 9.28
N ALA A 152 -2.79 -8.94 9.50
CA ALA A 152 -3.99 -8.36 10.15
C ALA A 152 -4.11 -8.68 11.64
N GLY A 153 -3.28 -9.60 12.13
CA GLY A 153 -3.21 -9.92 13.56
C GLY A 153 -2.74 -8.72 14.37
N GLY A 154 -2.69 -8.88 15.70
CA GLY A 154 -2.37 -7.79 16.62
C GLY A 154 -0.95 -7.22 16.60
N SER A 155 -0.03 -7.90 15.91
CA SER A 155 1.36 -7.39 15.80
C SER A 155 1.92 -7.38 14.37
N PHE A 156 2.93 -6.52 14.16
CA PHE A 156 3.67 -6.47 12.91
C PHE A 156 5.16 -6.62 13.15
N THR A 157 5.91 -6.93 12.09
CA THR A 157 7.36 -7.01 12.18
C THR A 157 8.04 -5.96 11.31
N VAL A 158 9.19 -5.46 11.76
CA VAL A 158 10.04 -4.62 10.92
C VAL A 158 11.41 -5.27 10.82
N THR A 159 11.86 -5.51 9.59
CA THR A 159 13.12 -6.20 9.33
C THR A 159 13.91 -5.43 8.28
N LEU A 160 15.19 -5.19 8.57
CA LEU A 160 16.15 -4.72 7.59
C LEU A 160 16.13 -5.65 6.36
N ASP A 161 16.02 -5.06 5.18
CA ASP A 161 15.74 -5.83 3.97
C ASP A 161 17.03 -6.34 3.34
N GLU A 162 17.23 -7.65 3.43
CA GLU A 162 18.36 -8.31 2.76
C GLU A 162 17.83 -9.37 1.81
N VAL A 163 16.57 -9.26 1.42
CA VAL A 163 15.93 -10.29 0.58
C VAL A 163 15.23 -9.79 -0.70
N ASN A 164 14.97 -8.50 -0.81
CA ASN A 164 14.24 -7.96 -1.97
C ASN A 164 15.10 -7.09 -2.87
N GLU A 165 14.64 -6.88 -4.09
CA GLU A 165 15.31 -5.98 -5.02
C GLU A 165 15.50 -4.64 -4.34
N ARG A 166 16.65 -4.02 -4.59
CA ARG A 166 16.87 -2.66 -4.16
C ARG A 166 15.91 -1.80 -4.93
N ILE A 167 15.15 -1.00 -4.20
CA ILE A 167 14.50 0.10 -4.84
C ILE A 167 15.43 1.29 -4.58
N GLY A 168 15.46 2.25 -5.47
CA GLY A 168 16.37 3.36 -5.29
C GLY A 168 15.77 4.21 -4.20
N ARG A 169 14.45 4.36 -4.30
CA ARG A 169 13.66 5.21 -3.41
C ARG A 169 12.17 4.92 -3.63
N GLY A 170 11.42 4.83 -2.53
CA GLY A 170 9.98 4.65 -2.63
C GLY A 170 9.51 3.43 -1.87
N THR A 171 8.37 2.88 -2.29
CA THR A 171 7.72 1.83 -1.54
C THR A 171 7.09 0.77 -2.42
N ILE A 172 7.14 -0.47 -1.97
CA ILE A 172 6.35 -1.54 -2.58
C ILE A 172 5.37 -2.07 -1.58
N LEU A 173 4.11 -2.10 -1.99
CA LEU A 173 3.08 -2.83 -1.29
C LEU A 173 2.94 -4.18 -1.96
N ARG A 174 3.28 -5.22 -1.21
CA ARG A 174 3.23 -6.58 -1.68
C ARG A 174 2.02 -7.27 -1.05
N LEU A 175 0.94 -7.38 -1.82
CA LEU A 175 -0.31 -7.95 -1.31
C LEU A 175 -0.35 -9.43 -1.59
N PHE A 176 -0.43 -10.24 -0.53
CA PHE A 176 -0.69 -11.66 -0.66
C PHE A 176 -2.22 -11.84 -0.71
N LEU A 177 -2.73 -11.96 -1.93
CA LEU A 177 -4.16 -12.01 -2.21
C LEU A 177 -4.82 -13.26 -1.66
N LYS A 178 -6.03 -13.09 -1.14
CA LYS A 178 -6.92 -14.19 -0.76
C LYS A 178 -7.28 -15.05 -1.96
N ASP A 179 -7.55 -16.34 -1.75
CA ASP A 179 -7.92 -17.25 -2.84
C ASP A 179 -9.18 -16.86 -3.66
N ASP A 180 -10.08 -16.07 -3.09
CA ASP A 180 -11.29 -15.66 -3.82
C ASP A 180 -11.11 -14.32 -4.57
N GLN A 181 -9.99 -13.65 -4.38
CA GLN A 181 -9.72 -12.36 -5.00
C GLN A 181 -8.59 -12.38 -6.06
N LEU A 182 -8.32 -13.55 -6.65
CA LEU A 182 -7.23 -13.69 -7.63
C LEU A 182 -7.51 -12.95 -8.94
N GLU A 183 -8.76 -12.52 -9.13
CA GLU A 183 -9.11 -11.64 -10.24
C GLU A 183 -8.20 -10.40 -10.39
N TYR A 184 -7.66 -9.92 -9.28
CA TYR A 184 -6.81 -8.74 -9.30
C TYR A 184 -5.38 -9.02 -9.84
N LEU A 185 -5.15 -10.28 -10.26
CA LEU A 185 -3.96 -10.66 -11.03
C LEU A 185 -4.16 -10.45 -12.54
N GLU A 186 -5.41 -10.30 -12.96
CA GLU A 186 -5.74 -10.21 -14.38
C GLU A 186 -5.53 -8.81 -14.92
N GLU A 187 -4.84 -8.73 -16.05
CA GLU A 187 -4.56 -7.46 -16.75
C GLU A 187 -5.85 -6.69 -17.06
N LYS A 188 -6.81 -7.38 -17.69
CA LYS A 188 -8.06 -6.73 -18.08
C LYS A 188 -8.78 -6.11 -16.87
N ARG A 189 -8.83 -6.86 -15.77
CA ARG A 189 -9.47 -6.42 -14.53
C ARG A 189 -8.76 -5.21 -13.90
N ILE A 190 -7.44 -5.28 -13.81
CA ILE A 190 -6.64 -4.15 -13.29
C ILE A 190 -6.86 -2.84 -14.08
N LYS A 191 -6.87 -2.94 -15.41
CA LYS A 191 -7.13 -1.77 -16.25
C LYS A 191 -8.51 -1.15 -16.02
N GLU A 192 -9.54 -2.00 -15.91
CA GLU A 192 -10.90 -1.55 -15.59
C GLU A 192 -10.95 -0.74 -14.32
N VAL A 193 -10.43 -1.33 -13.24
CA VAL A 193 -10.46 -0.72 -11.92
C VAL A 193 -9.71 0.61 -11.94
N ILE A 194 -8.54 0.64 -12.61
CA ILE A 194 -7.75 1.86 -12.73
C ILE A 194 -8.51 2.95 -13.45
N LYS A 195 -9.14 2.58 -14.58
CA LYS A 195 -9.81 3.55 -15.43
C LYS A 195 -11.08 4.09 -14.80
N ARG A 196 -11.67 3.31 -13.91
CA ARG A 196 -12.91 3.71 -13.22
C ARG A 196 -12.68 4.71 -12.11
N HIS A 197 -11.66 4.48 -11.28
CA HIS A 197 -11.55 5.17 -9.99
C HIS A 197 -10.27 5.98 -9.80
N SER A 198 -9.37 5.91 -10.78
CA SER A 198 -8.14 6.70 -10.74
C SER A 198 -7.90 7.39 -12.09
N GLU A 199 -8.86 8.22 -12.51
CA GLU A 199 -8.78 8.97 -13.79
C GLU A 199 -7.81 10.16 -13.76
N PHE A 200 -7.61 10.75 -12.59
CA PHE A 200 -6.86 11.99 -12.46
C PHE A 200 -5.63 11.79 -11.56
N VAL A 201 -4.60 11.18 -12.12
CA VAL A 201 -3.38 10.90 -11.43
C VAL A 201 -2.25 11.55 -12.22
N ALA A 202 -1.39 12.28 -11.52
CA ALA A 202 -0.38 13.11 -12.19
C ALA A 202 0.82 12.32 -12.71
N TYR A 203 0.94 11.07 -12.29
CA TYR A 203 2.11 10.25 -12.61
C TYR A 203 1.70 9.11 -13.50
N PRO A 204 2.64 8.61 -14.31
CA PRO A 204 2.30 7.44 -15.12
C PRO A 204 2.03 6.24 -14.23
N ILE A 205 1.04 5.45 -14.63
CA ILE A 205 0.75 4.19 -13.98
C ILE A 205 1.14 3.07 -14.93
N GLN A 206 2.18 2.33 -14.58
CA GLN A 206 2.69 1.25 -15.39
C GLN A 206 2.13 -0.09 -14.92
N LEU A 207 1.71 -0.93 -15.86
CA LEU A 207 1.25 -2.27 -15.59
C LEU A 207 2.28 -3.23 -16.17
N VAL A 208 2.78 -4.12 -15.32
CA VAL A 208 3.80 -5.06 -15.77
C VAL A 208 3.10 -6.35 -16.10
N VAL A 209 3.15 -6.74 -17.37
CA VAL A 209 2.43 -7.89 -17.91
C VAL A 209 3.43 -8.94 -18.42
N THR A 210 3.17 -10.20 -18.09
CA THR A 210 4.03 -11.31 -18.45
C THR A 210 3.31 -12.16 -19.47
N LYS A 211 3.98 -12.39 -20.60
CA LYS A 211 3.39 -13.11 -21.70
C LYS A 211 4.34 -14.11 -22.35
N GLU A 212 3.81 -15.30 -22.59
CA GLU A 212 4.53 -16.37 -23.26
CA GLU A 212 4.54 -16.37 -23.25
C GLU A 212 4.75 -16.00 -24.72
N VAL A 213 6.00 -16.10 -25.16
CA VAL A 213 6.34 -15.82 -26.53
C VAL A 213 5.86 -17.00 -27.36
N GLU A 214 5.22 -16.66 -28.48
CA GLU A 214 4.39 -17.58 -29.27
C GLU A 214 5.15 -18.19 -30.44
N LYS A 215 4.58 -18.41 -31.53
#